data_6Z4Q
#
_entry.id   6Z4Q
#
_cell.length_a   211.924
_cell.length_b   36.845
_cell.length_c   90.288
_cell.angle_alpha   90.000
_cell.angle_beta   113.650
_cell.angle_gamma   90.000
#
_symmetry.space_group_name_H-M   'C 1 2 1'
#
loop_
_entity.id
_entity.type
_entity.pdbx_description
1 polymer 'Neurotensin receptor type 1,Neurotensin receptor type 1,DARPin'
2 non-polymer '2-[[5-(2,6-dimethoxyphenyl)-1-[4-[3-(dimethylamino)propyl-methyl-carbamoyl]-2-propan-2-yl-phenyl]pyrazol-3-yl]carbonylamino]adamantane-2-carboxylic acid'
#
_entity_poly.entity_id   1
_entity_poly.type   'polypeptide(L)'
_entity_poly.pdbx_seq_one_letter_code
;GPGSGPNSDLDVNTDIYSKVLVTAIYLALFVVGTVGNGVTLFTLARKKSLQSLQSRVDYYLGSLALSDLLILLFALPVDL
YNFIWVHHPWAFGDAGCKGYYFLREACTYATALNVVSLSVELYLAICHPFKAKTLMSRSRTKKFISAIWLASALLAIPML
FTMGLQNLSGDGTHPGGLVCTPIVDTATLRVVIQLNTFMSFLFPMLVASILNTVAARRLTVMVHQAAFNMTIEPGRVQAL
RRGVLVLRAVVIAFVVCWLPYHVRRLMFVYISDEQWTTALFDFYHYFYMLSNALVYVSAAINPILYNLAEDLVEDWEKAR
KLLEAARKGQDDEVRILLANGADVNTADETGFTPLHLAAWEGHLGIVEVLLKNGADVNANDERGHTPLHLAAYTGHLEIV
EVLLKNGAGVNATDVIGTAPLHLAAMWGHLEIVEVLLKNGADVNAQDKFGKTPFDLAIDNGNEDIAEVLQKAATRELEVL
FQ
;
_entity_poly.pdbx_strand_id   AAA
#
# COMPACT_ATOMS: atom_id res chain seq x y z
N ILE A 16 -41.77 9.77 -1.09
CA ILE A 16 -41.97 10.02 -2.55
C ILE A 16 -40.60 10.05 -3.25
N TYR A 17 -39.73 10.97 -2.85
CA TYR A 17 -38.38 11.20 -3.43
C TYR A 17 -37.36 10.26 -2.78
N SER A 18 -37.73 9.57 -1.71
CA SER A 18 -36.89 8.59 -0.96
C SER A 18 -36.61 7.37 -1.86
N LYS A 19 -37.66 6.71 -2.34
CA LYS A 19 -37.60 5.54 -3.25
C LYS A 19 -36.79 5.90 -4.50
N VAL A 20 -36.97 7.12 -5.02
CA VAL A 20 -36.30 7.66 -6.24
C VAL A 20 -34.82 7.90 -5.91
N LEU A 21 -34.51 8.38 -4.70
CA LEU A 21 -33.14 8.68 -4.21
C LEU A 21 -32.29 7.41 -4.24
N VAL A 22 -32.85 6.28 -3.77
CA VAL A 22 -32.16 4.95 -3.72
C VAL A 22 -31.93 4.46 -5.16
N THR A 23 -32.94 4.59 -6.01
CA THR A 23 -32.91 4.18 -7.45
C THR A 23 -31.65 4.75 -8.11
N ALA A 24 -31.46 6.07 -8.02
CA ALA A 24 -30.30 6.81 -8.57
C ALA A 24 -28.99 6.17 -8.08
N ILE A 25 -28.89 5.88 -6.78
CA ILE A 25 -27.69 5.28 -6.13
C ILE A 25 -27.52 3.83 -6.60
N TYR A 26 -28.57 3.01 -6.48
CA TYR A 26 -28.54 1.55 -6.80
C TYR A 26 -28.21 1.34 -8.29
N LEU A 27 -28.75 2.18 -9.18
CA LEU A 27 -28.43 2.14 -10.63
C LEU A 27 -26.98 2.57 -10.85
N ALA A 28 -26.56 3.66 -10.18
CA ALA A 28 -25.18 4.22 -10.26
C ALA A 28 -24.16 3.15 -9.84
N LEU A 29 -24.43 2.44 -8.75
CA LEU A 29 -23.56 1.35 -8.21
C LEU A 29 -23.45 0.23 -9.26
N PHE A 30 -24.54 -0.08 -9.97
CA PHE A 30 -24.62 -1.15 -11.00
C PHE A 30 -23.71 -0.81 -12.18
N VAL A 31 -23.71 0.44 -12.63
CA VAL A 31 -22.95 0.92 -13.82
C VAL A 31 -21.45 0.80 -13.52
N VAL A 32 -20.93 1.61 -12.59
CA VAL A 32 -19.48 1.72 -12.29
C VAL A 32 -18.98 0.46 -11.57
N GLY A 33 -19.90 -0.31 -10.97
CA GLY A 33 -19.58 -1.59 -10.30
C GLY A 33 -19.33 -2.70 -11.30
N THR A 34 -20.32 -2.98 -12.16
CA THR A 34 -20.25 -4.00 -13.25
C THR A 34 -19.00 -3.74 -14.10
N VAL A 35 -18.82 -2.49 -14.55
CA VAL A 35 -17.68 -2.04 -15.40
C VAL A 35 -16.38 -2.15 -14.57
N GLY A 36 -16.36 -1.52 -13.40
CA GLY A 36 -15.21 -1.52 -12.48
C GLY A 36 -14.62 -2.91 -12.30
N ASN A 37 -15.46 -3.88 -11.91
CA ASN A 37 -15.07 -5.29 -11.70
C ASN A 37 -14.78 -5.93 -13.06
N GLY A 38 -15.58 -5.62 -14.07
CA GLY A 38 -15.37 -6.08 -15.46
C GLY A 38 -13.99 -5.70 -15.97
N VAL A 39 -13.65 -4.41 -15.86
CA VAL A 39 -12.32 -3.84 -16.27
C VAL A 39 -11.22 -4.55 -15.47
N THR A 40 -11.43 -4.76 -14.17
CA THR A 40 -10.47 -5.44 -13.24
C THR A 40 -10.23 -6.88 -13.69
N LEU A 41 -11.28 -7.59 -14.13
CA LEU A 41 -11.21 -9.00 -14.58
C LEU A 41 -10.38 -9.09 -15.87
N PHE A 42 -10.55 -8.13 -16.78
CA PHE A 42 -9.83 -8.08 -18.09
C PHE A 42 -8.40 -7.55 -17.89
N THR A 43 -8.20 -6.65 -16.92
CA THR A 43 -6.88 -6.05 -16.59
C THR A 43 -5.93 -7.15 -16.10
N LEU A 44 -6.35 -7.95 -15.12
CA LEU A 44 -5.54 -9.00 -14.45
C LEU A 44 -5.37 -10.20 -15.38
N ALA A 45 -6.28 -10.39 -16.34
CA ALA A 45 -6.21 -11.46 -17.37
C ALA A 45 -5.02 -11.21 -18.29
N ARG A 46 -4.90 -9.99 -18.83
CA ARG A 46 -3.80 -9.56 -19.74
C ARG A 46 -2.49 -9.44 -18.97
N LYS A 47 -2.57 -9.12 -17.67
CA LYS A 47 -1.41 -8.94 -16.74
C LYS A 47 -0.57 -10.22 -16.72
N LYS A 48 0.76 -10.07 -16.71
CA LYS A 48 1.75 -11.19 -16.70
C LYS A 48 2.99 -10.78 -15.90
N SER A 49 2.96 -10.97 -14.58
CA SER A 49 4.05 -10.63 -13.63
C SER A 49 5.13 -11.71 -13.66
N LEU A 50 6.41 -11.31 -13.58
CA LEU A 50 7.60 -12.20 -13.65
C LEU A 50 7.71 -13.03 -12.37
N GLN A 51 7.49 -12.40 -11.21
CA GLN A 51 7.44 -13.07 -9.88
C GLN A 51 6.15 -13.89 -9.79
N SER A 52 6.25 -15.17 -9.45
CA SER A 52 5.13 -16.16 -9.40
C SER A 52 4.05 -15.69 -8.42
N LEU A 53 4.45 -15.29 -7.21
CA LEU A 53 3.55 -14.88 -6.11
C LEU A 53 2.66 -13.72 -6.57
N GLN A 54 3.23 -12.75 -7.29
CA GLN A 54 2.52 -11.55 -7.82
C GLN A 54 1.33 -12.00 -8.67
N SER A 55 1.52 -13.04 -9.50
CA SER A 55 0.49 -13.63 -10.38
C SER A 55 -0.60 -14.30 -9.53
N ARG A 56 -0.21 -15.28 -8.72
CA ARG A 56 -1.12 -16.13 -7.90
C ARG A 56 -1.97 -15.25 -6.98
N VAL A 57 -1.38 -14.17 -6.43
CA VAL A 57 -2.09 -13.11 -5.67
C VAL A 57 -3.18 -12.51 -6.56
N ASP A 58 -2.83 -12.13 -7.79
CA ASP A 58 -3.72 -11.44 -8.76
C ASP A 58 -4.79 -12.39 -9.30
N TYR A 59 -4.56 -13.71 -9.23
CA TYR A 59 -5.56 -14.75 -9.59
C TYR A 59 -6.65 -14.78 -8.51
N TYR A 60 -6.26 -14.64 -7.24
CA TYR A 60 -7.19 -14.57 -6.08
C TYR A 60 -7.96 -13.25 -6.11
N LEU A 61 -7.30 -12.15 -6.50
CA LEU A 61 -7.95 -10.81 -6.66
C LEU A 61 -8.97 -10.87 -7.80
N GLY A 62 -8.59 -11.46 -8.93
CA GLY A 62 -9.48 -11.68 -10.09
C GLY A 62 -10.68 -12.56 -9.73
N SER A 63 -10.48 -13.52 -8.83
CA SER A 63 -11.54 -14.44 -8.31
C SER A 63 -12.54 -13.66 -7.45
N LEU A 64 -12.06 -12.67 -6.69
CA LEU A 64 -12.88 -11.80 -5.80
C LEU A 64 -13.63 -10.76 -6.63
N ALA A 65 -13.05 -10.35 -7.77
CA ALA A 65 -13.66 -9.39 -8.73
C ALA A 65 -14.87 -10.03 -9.41
N LEU A 66 -14.81 -11.33 -9.71
CA LEU A 66 -15.93 -12.11 -10.30
C LEU A 66 -17.06 -12.19 -9.27
N SER A 67 -16.77 -12.63 -8.05
CA SER A 67 -17.71 -12.69 -6.90
C SER A 67 -18.43 -11.34 -6.77
N ASP A 68 -17.68 -10.24 -6.79
CA ASP A 68 -18.21 -8.85 -6.68
C ASP A 68 -19.11 -8.54 -7.88
N LEU A 69 -18.70 -8.97 -9.09
CA LEU A 69 -19.42 -8.71 -10.36
C LEU A 69 -20.76 -9.45 -10.38
N LEU A 70 -20.74 -10.75 -10.08
CA LEU A 70 -21.94 -11.64 -10.09
C LEU A 70 -23.03 -11.05 -9.19
N ILE A 71 -22.65 -10.58 -7.99
CA ILE A 71 -23.55 -9.95 -6.98
C ILE A 71 -24.25 -8.74 -7.60
N LEU A 72 -23.52 -7.94 -8.39
CA LEU A 72 -24.02 -6.67 -9.01
C LEU A 72 -24.93 -6.99 -10.20
N LEU A 73 -24.62 -8.02 -10.98
CA LEU A 73 -25.34 -8.34 -12.24
C LEU A 73 -26.67 -9.04 -11.94
N PHE A 74 -26.68 -9.98 -10.98
CA PHE A 74 -27.81 -10.92 -10.73
C PHE A 74 -28.64 -10.44 -9.53
N ALA A 75 -27.99 -10.15 -8.40
CA ALA A 75 -28.64 -9.90 -7.09
C ALA A 75 -29.19 -8.47 -7.03
N LEU A 76 -28.40 -7.46 -7.40
CA LEU A 76 -28.79 -6.03 -7.28
C LEU A 76 -30.12 -5.79 -7.98
N PRO A 77 -30.28 -6.16 -9.28
CA PRO A 77 -31.55 -5.94 -9.98
C PRO A 77 -32.77 -6.48 -9.22
N VAL A 78 -32.67 -7.70 -8.69
CA VAL A 78 -33.72 -8.37 -7.86
C VAL A 78 -34.00 -7.50 -6.63
N ASP A 79 -32.95 -6.95 -6.01
CA ASP A 79 -33.05 -6.06 -4.82
C ASP A 79 -33.67 -4.72 -5.23
N LEU A 80 -33.13 -4.08 -6.28
CA LEU A 80 -33.54 -2.73 -6.75
C LEU A 80 -35.05 -2.70 -7.00
N TYR A 81 -35.61 -3.76 -7.60
CA TYR A 81 -37.05 -3.89 -7.94
C TYR A 81 -37.82 -4.43 -6.73
N ASN A 82 -37.84 -5.74 -6.55
CA ASN A 82 -38.68 -6.47 -5.55
C ASN A 82 -38.43 -5.92 -4.15
N PHE A 83 -37.17 -5.94 -3.69
CA PHE A 83 -36.75 -5.58 -2.31
C PHE A 83 -37.03 -4.09 -2.03
N ILE A 84 -36.83 -3.22 -3.04
CA ILE A 84 -36.92 -1.74 -2.88
C ILE A 84 -38.13 -1.20 -3.67
N TRP A 85 -38.03 -1.16 -5.00
CA TRP A 85 -38.95 -0.41 -5.91
C TRP A 85 -40.40 -0.87 -5.72
N VAL A 86 -40.67 -2.17 -5.89
CA VAL A 86 -42.06 -2.75 -5.92
C VAL A 86 -42.19 -3.81 -4.82
N HIS A 87 -42.70 -3.40 -3.63
CA HIS A 87 -42.92 -4.26 -2.45
C HIS A 87 -44.13 -5.16 -2.67
N PRO A 89 -45.58 -8.01 -5.14
CA PRO A 89 -45.56 -9.44 -5.49
C PRO A 89 -44.23 -9.86 -6.12
N TRP A 90 -43.84 -11.13 -5.93
CA TRP A 90 -42.61 -11.73 -6.52
C TRP A 90 -42.82 -11.94 -8.02
N ALA A 91 -41.92 -11.40 -8.84
CA ALA A 91 -42.08 -11.30 -10.32
C ALA A 91 -40.89 -11.92 -11.05
N PHE A 92 -40.19 -12.87 -10.42
CA PHE A 92 -39.00 -13.57 -11.00
C PHE A 92 -39.18 -15.10 -10.99
N GLY A 93 -40.30 -15.61 -10.44
CA GLY A 93 -40.64 -17.05 -10.47
C GLY A 93 -39.77 -17.87 -9.53
N ASP A 94 -40.22 -19.09 -9.20
CA ASP A 94 -39.57 -19.98 -8.21
C ASP A 94 -38.13 -20.28 -8.63
N ALA A 95 -37.89 -20.45 -9.93
CA ALA A 95 -36.54 -20.64 -10.54
C ALA A 95 -35.64 -19.46 -10.16
N GLY A 96 -36.12 -18.23 -10.39
CA GLY A 96 -35.40 -16.98 -10.05
C GLY A 96 -35.30 -16.77 -8.54
N CYS A 97 -36.36 -17.10 -7.80
CA CYS A 97 -36.45 -17.05 -6.32
C CYS A 97 -35.32 -17.90 -5.69
N LYS A 98 -35.30 -19.20 -5.99
CA LYS A 98 -34.28 -20.17 -5.52
C LYS A 98 -32.89 -19.76 -6.05
N GLY A 99 -32.85 -19.21 -7.27
CA GLY A 99 -31.60 -18.82 -7.97
C GLY A 99 -30.94 -17.61 -7.32
N TYR A 100 -31.72 -16.61 -6.90
CA TYR A 100 -31.24 -15.36 -6.26
C TYR A 100 -30.41 -15.69 -5.02
N TYR A 101 -30.98 -16.51 -4.12
CA TYR A 101 -30.38 -16.87 -2.81
C TYR A 101 -29.29 -17.93 -2.99
N PHE A 102 -29.30 -18.67 -4.11
CA PHE A 102 -28.24 -19.65 -4.48
C PHE A 102 -26.98 -18.89 -4.86
N LEU A 103 -27.07 -18.04 -5.88
CA LEU A 103 -25.94 -17.23 -6.41
C LEU A 103 -25.37 -16.34 -5.30
N ARG A 104 -26.24 -15.69 -4.52
CA ARG A 104 -25.86 -14.85 -3.35
C ARG A 104 -25.14 -15.71 -2.30
N GLU A 105 -25.61 -16.94 -2.08
CA GLU A 105 -24.99 -17.92 -1.16
C GLU A 105 -23.63 -18.36 -1.72
N ALA A 106 -23.58 -18.66 -3.02
CA ALA A 106 -22.39 -19.19 -3.74
C ALA A 106 -21.24 -18.17 -3.72
N CYS A 107 -21.56 -16.87 -3.80
CA CYS A 107 -20.58 -15.75 -3.87
C CYS A 107 -19.88 -15.54 -2.51
N THR A 108 -20.60 -15.77 -1.39
CA THR A 108 -20.08 -15.59 -0.01
C THR A 108 -18.99 -16.64 0.25
N TYR A 109 -19.24 -17.89 -0.11
CA TYR A 109 -18.26 -19.02 -0.01
C TYR A 109 -17.06 -18.72 -0.91
N ALA A 110 -17.31 -18.40 -2.18
CA ALA A 110 -16.29 -18.07 -3.21
C ALA A 110 -15.35 -16.98 -2.69
N THR A 111 -15.91 -15.90 -2.14
CA THR A 111 -15.17 -14.75 -1.56
C THR A 111 -14.39 -15.21 -0.31
N ALA A 112 -15.04 -15.98 0.57
CA ALA A 112 -14.49 -16.47 1.85
C ALA A 112 -13.28 -17.39 1.59
N LEU A 113 -13.46 -18.40 0.73
CA LEU A 113 -12.41 -19.42 0.41
C LEU A 113 -11.21 -18.73 -0.25
N ASN A 114 -11.44 -17.78 -1.16
CA ASN A 114 -10.36 -16.98 -1.81
C ASN A 114 -9.53 -16.26 -0.74
N VAL A 115 -10.20 -15.50 0.13
CA VAL A 115 -9.58 -14.73 1.26
C VAL A 115 -8.70 -15.66 2.10
N VAL A 116 -9.17 -16.89 2.35
CA VAL A 116 -8.44 -17.94 3.11
C VAL A 116 -7.29 -18.46 2.25
N SER A 117 -7.61 -18.95 1.05
CA SER A 117 -6.65 -19.59 0.10
C SER A 117 -5.45 -18.65 -0.13
N LEU A 118 -5.73 -17.37 -0.38
CA LEU A 118 -4.73 -16.29 -0.57
C LEU A 118 -3.80 -16.24 0.65
N SER A 119 -4.39 -16.09 1.84
CA SER A 119 -3.67 -15.97 3.15
C SER A 119 -2.79 -17.20 3.37
N VAL A 120 -3.31 -18.39 3.08
CA VAL A 120 -2.58 -19.70 3.22
C VAL A 120 -1.34 -19.66 2.30
N GLU A 121 -1.57 -19.48 0.99
CA GLU A 121 -0.50 -19.40 -0.04
C GLU A 121 0.54 -18.35 0.36
N LEU A 122 0.08 -17.17 0.79
CA LEU A 122 0.95 -16.02 1.15
C LEU A 122 1.72 -16.34 2.43
N TYR A 123 1.05 -16.91 3.44
CA TYR A 123 1.65 -17.36 4.71
C TYR A 123 2.79 -18.35 4.42
N LEU A 124 2.48 -19.41 3.67
CA LEU A 124 3.44 -20.48 3.27
C LEU A 124 4.71 -19.86 2.69
N ALA A 125 4.55 -18.91 1.75
CA ALA A 125 5.66 -18.23 1.02
C ALA A 125 6.66 -17.61 2.01
N ILE A 126 6.15 -17.05 3.12
CA ILE A 126 6.95 -16.27 4.11
C ILE A 126 7.52 -17.21 5.18
N CYS A 127 6.65 -18.01 5.81
CA CYS A 127 6.96 -18.80 7.03
C CYS A 127 7.57 -20.16 6.66
N HIS A 128 7.26 -20.70 5.48
CA HIS A 128 7.81 -21.98 4.95
C HIS A 128 8.23 -21.81 3.49
N PRO A 129 9.20 -20.91 3.18
CA PRO A 129 9.55 -20.62 1.79
C PRO A 129 9.98 -21.88 1.01
N PHE A 130 10.79 -22.74 1.63
CA PHE A 130 11.40 -23.95 1.02
C PHE A 130 10.31 -25.01 0.80
N LYS A 131 9.42 -25.19 1.78
CA LYS A 131 8.26 -26.12 1.71
C LYS A 131 7.29 -25.65 0.62
N ALA A 132 7.06 -24.34 0.52
CA ALA A 132 6.15 -23.68 -0.44
C ALA A 132 6.67 -23.86 -1.87
N LYS A 133 7.98 -23.75 -2.07
CA LYS A 133 8.67 -23.88 -3.38
C LYS A 133 8.26 -25.19 -4.06
N THR A 134 8.14 -26.28 -3.28
CA THR A 134 7.86 -27.66 -3.77
C THR A 134 6.36 -27.88 -3.98
N LEU A 135 5.51 -27.00 -3.43
CA LEU A 135 4.04 -27.15 -3.38
C LEU A 135 3.37 -26.16 -4.34
N MET A 136 3.60 -24.86 -4.15
CA MET A 136 2.88 -23.75 -4.84
C MET A 136 3.28 -23.71 -6.32
N SER A 137 2.38 -23.18 -7.16
CA SER A 137 2.54 -23.06 -8.62
C SER A 137 1.34 -22.27 -9.21
N ARG A 138 1.60 -21.44 -10.22
CA ARG A 138 0.55 -20.71 -10.99
C ARG A 138 -0.49 -21.70 -11.52
N SER A 139 0.00 -22.83 -12.07
CA SER A 139 -0.82 -23.95 -12.60
C SER A 139 -1.79 -24.45 -11.54
N ARG A 140 -1.26 -24.86 -10.38
CA ARG A 140 -2.03 -25.48 -9.26
C ARG A 140 -3.01 -24.46 -8.68
N THR A 141 -2.60 -23.20 -8.52
CA THR A 141 -3.43 -22.07 -8.03
C THR A 141 -4.61 -21.86 -8.99
N LYS A 142 -4.32 -21.63 -10.28
CA LYS A 142 -5.34 -21.41 -11.36
C LYS A 142 -6.36 -22.56 -11.33
N LYS A 143 -5.89 -23.80 -11.20
CA LYS A 143 -6.75 -25.01 -11.07
C LYS A 143 -7.55 -24.94 -9.76
N PHE A 144 -6.86 -24.75 -8.62
CA PHE A 144 -7.43 -24.78 -7.25
C PHE A 144 -8.58 -23.76 -7.14
N ILE A 145 -8.47 -22.62 -7.80
CA ILE A 145 -9.51 -21.53 -7.79
C ILE A 145 -10.77 -22.04 -8.50
N SER A 146 -10.62 -22.89 -9.52
CA SER A 146 -11.74 -23.59 -10.21
C SER A 146 -12.46 -24.50 -9.19
N ALA A 147 -11.69 -25.23 -8.38
CA ALA A 147 -12.18 -26.15 -7.33
C ALA A 147 -12.92 -25.35 -6.25
N ILE A 148 -12.42 -24.17 -5.90
CA ILE A 148 -13.08 -23.20 -4.98
C ILE A 148 -14.48 -22.88 -5.51
N TRP A 149 -14.57 -22.46 -6.77
CA TRP A 149 -15.83 -22.01 -7.43
C TRP A 149 -16.83 -23.18 -7.57
N LEU A 150 -16.33 -24.41 -7.70
CA LEU A 150 -17.17 -25.64 -7.69
C LEU A 150 -17.73 -25.85 -6.27
N ALA A 151 -16.85 -25.99 -5.28
CA ALA A 151 -17.19 -26.17 -3.85
C ALA A 151 -18.16 -25.08 -3.40
N SER A 152 -17.89 -23.83 -3.80
CA SER A 152 -18.74 -22.63 -3.53
C SER A 152 -20.16 -22.86 -4.05
N ALA A 153 -20.29 -23.42 -5.26
CA ALA A 153 -21.58 -23.71 -5.93
C ALA A 153 -22.30 -24.87 -5.23
N LEU A 154 -21.56 -25.91 -4.83
CA LEU A 154 -22.07 -27.13 -4.17
C LEU A 154 -22.60 -26.78 -2.77
N LEU A 155 -21.88 -25.94 -2.03
CA LEU A 155 -22.23 -25.48 -0.65
C LEU A 155 -23.46 -24.57 -0.70
N ALA A 156 -23.77 -23.99 -1.86
CA ALA A 156 -24.90 -23.06 -2.09
C ALA A 156 -26.16 -23.82 -2.52
N ILE A 157 -26.03 -25.09 -2.90
CA ILE A 157 -27.15 -25.95 -3.44
C ILE A 157 -28.26 -26.08 -2.39
N PRO A 158 -27.95 -26.33 -1.09
CA PRO A 158 -28.97 -26.36 -0.05
C PRO A 158 -30.00 -25.21 -0.09
N MET A 159 -29.57 -23.99 -0.42
CA MET A 159 -30.41 -22.76 -0.45
C MET A 159 -31.44 -22.83 -1.58
N LEU A 160 -31.29 -23.79 -2.51
CA LEU A 160 -32.28 -24.07 -3.60
C LEU A 160 -33.52 -24.74 -3.00
N PHE A 161 -33.32 -25.63 -2.04
CA PHE A 161 -34.40 -26.36 -1.31
C PHE A 161 -34.96 -25.48 -0.18
N THR A 162 -34.16 -24.53 0.33
CA THR A 162 -34.45 -23.69 1.52
C THR A 162 -35.39 -22.53 1.15
N MET A 163 -35.61 -22.27 -0.14
CA MET A 163 -36.38 -21.10 -0.64
C MET A 163 -37.38 -21.53 -1.72
N GLY A 164 -38.51 -20.82 -1.81
CA GLY A 164 -39.58 -21.07 -2.80
C GLY A 164 -40.62 -19.95 -2.82
N LEU A 165 -41.59 -20.04 -3.72
CA LEU A 165 -42.75 -19.10 -3.84
C LEU A 165 -43.84 -19.52 -2.86
N GLN A 166 -44.71 -18.57 -2.48
CA GLN A 166 -45.86 -18.81 -1.55
C GLN A 166 -46.84 -17.63 -1.65
N ASN A 167 -48.04 -17.79 -1.09
CA ASN A 167 -49.12 -16.77 -1.06
C ASN A 167 -49.60 -16.58 0.38
N LEU A 178 -47.93 -13.36 -3.53
CA LEU A 178 -46.76 -13.92 -4.23
C LEU A 178 -45.48 -13.43 -3.56
N VAL A 179 -44.80 -14.28 -2.78
CA VAL A 179 -43.56 -13.95 -2.02
C VAL A 179 -42.59 -15.14 -2.09
N CYS A 180 -41.34 -14.87 -2.46
CA CYS A 180 -40.20 -15.83 -2.40
C CYS A 180 -39.78 -16.00 -0.93
N THR A 181 -40.58 -16.74 -0.15
CA THR A 181 -40.40 -16.97 1.31
C THR A 181 -39.78 -18.36 1.52
N PRO A 182 -39.20 -18.63 2.71
CA PRO A 182 -38.61 -19.94 2.98
C PRO A 182 -39.64 -21.08 2.94
N ILE A 183 -39.19 -22.29 2.60
CA ILE A 183 -40.05 -23.49 2.42
C ILE A 183 -39.54 -24.62 3.32
N VAL A 184 -39.01 -24.28 4.51
CA VAL A 184 -38.54 -25.24 5.55
C VAL A 184 -38.77 -24.64 6.94
N ASP A 185 -38.64 -25.45 7.99
CA ASP A 185 -38.87 -25.07 9.40
C ASP A 185 -37.83 -24.04 9.84
N THR A 186 -38.16 -23.22 10.84
CA THR A 186 -37.28 -22.17 11.43
C THR A 186 -36.00 -22.81 11.97
N ALA A 187 -36.09 -24.04 12.48
CA ALA A 187 -34.97 -24.85 13.01
C ALA A 187 -33.95 -25.10 11.89
N THR A 188 -34.39 -25.76 10.80
CA THR A 188 -33.57 -26.10 9.61
C THR A 188 -33.04 -24.81 8.95
N LEU A 189 -33.83 -23.74 9.00
CA LEU A 189 -33.46 -22.39 8.48
C LEU A 189 -32.38 -21.77 9.37
N ARG A 190 -32.54 -21.85 10.69
CA ARG A 190 -31.58 -21.34 11.70
C ARG A 190 -30.28 -22.15 11.64
N VAL A 191 -30.36 -23.41 11.19
CA VAL A 191 -29.20 -24.35 11.07
C VAL A 191 -28.32 -23.95 9.88
N VAL A 192 -28.92 -23.73 8.71
CA VAL A 192 -28.19 -23.43 7.43
C VAL A 192 -27.52 -22.06 7.54
N ILE A 193 -28.21 -21.05 8.08
CA ILE A 193 -27.66 -19.67 8.28
C ILE A 193 -26.47 -19.74 9.23
N GLN A 194 -26.58 -20.56 10.29
CA GLN A 194 -25.50 -20.82 11.27
C GLN A 194 -24.28 -21.39 10.54
N LEU A 195 -24.46 -22.48 9.79
CA LEU A 195 -23.39 -23.14 8.98
C LEU A 195 -22.86 -22.17 7.92
N ASN A 196 -23.76 -21.44 7.25
CA ASN A 196 -23.40 -20.41 6.23
C ASN A 196 -22.45 -19.38 6.87
N THR A 197 -22.92 -18.70 7.93
CA THR A 197 -22.23 -17.57 8.59
C THR A 197 -20.92 -18.04 9.23
N PHE A 198 -20.81 -19.32 9.63
CA PHE A 198 -19.61 -19.89 10.28
C PHE A 198 -18.46 -20.02 9.28
N MET A 199 -18.65 -20.84 8.24
CA MET A 199 -17.58 -21.25 7.29
C MET A 199 -17.68 -20.45 5.99
N SER A 200 -18.39 -19.32 5.99
CA SER A 200 -18.39 -18.32 4.89
C SER A 200 -18.16 -16.90 5.44
N PHE A 201 -17.69 -16.77 6.69
CA PHE A 201 -17.32 -15.47 7.30
C PHE A 201 -16.49 -15.66 8.58
N LEU A 202 -17.00 -16.39 9.57
CA LEU A 202 -16.37 -16.49 10.92
C LEU A 202 -15.02 -17.23 10.82
N PHE A 203 -15.03 -18.48 10.34
CA PHE A 203 -13.83 -19.33 10.16
C PHE A 203 -12.81 -18.62 9.27
N PRO A 204 -13.17 -18.17 8.05
CA PRO A 204 -12.21 -17.55 7.13
C PRO A 204 -11.53 -16.29 7.70
N MET A 205 -12.33 -15.35 8.24
CA MET A 205 -11.83 -14.15 8.96
C MET A 205 -10.80 -14.58 10.01
N LEU A 206 -11.15 -15.56 10.85
CA LEU A 206 -10.31 -16.09 11.95
C LEU A 206 -8.98 -16.62 11.39
N VAL A 207 -9.05 -17.48 10.37
CA VAL A 207 -7.86 -18.13 9.72
C VAL A 207 -7.01 -17.06 9.05
N ALA A 208 -7.63 -16.18 8.24
CA ALA A 208 -6.97 -15.09 7.49
C ALA A 208 -6.25 -14.14 8.47
N SER A 209 -6.91 -13.77 9.56
CA SER A 209 -6.40 -12.81 10.59
C SER A 209 -5.20 -13.41 11.33
N ILE A 210 -5.22 -14.72 11.61
CA ILE A 210 -4.13 -15.43 12.33
C ILE A 210 -2.89 -15.48 11.43
N LEU A 211 -3.04 -16.02 10.21
CA LEU A 211 -1.93 -16.22 9.24
C LEU A 211 -1.36 -14.86 8.79
N ASN A 212 -2.24 -13.88 8.55
CA ASN A 212 -1.87 -12.52 8.09
C ASN A 212 -1.12 -11.77 9.21
N THR A 213 -1.26 -12.22 10.46
CA THR A 213 -0.54 -11.69 11.65
C THR A 213 0.79 -12.42 11.83
N VAL A 214 0.78 -13.76 11.76
CA VAL A 214 1.98 -14.63 11.94
C VAL A 214 2.97 -14.33 10.82
N ALA A 215 2.49 -14.24 9.57
CA ALA A 215 3.29 -13.99 8.35
C ALA A 215 3.87 -12.57 8.39
N ALA A 216 3.04 -11.58 8.72
CA ALA A 216 3.42 -10.14 8.82
C ALA A 216 4.57 -9.97 9.82
N ARG A 217 4.46 -10.60 11.00
CA ARG A 217 5.48 -10.57 12.08
C ARG A 217 6.78 -11.19 11.57
N ARG A 218 6.70 -12.34 10.90
CA ARG A 218 7.84 -13.06 10.28
C ARG A 218 8.50 -12.18 9.22
N LEU A 219 7.69 -11.47 8.42
CA LEU A 219 8.15 -10.71 7.23
C LEU A 219 8.92 -9.46 7.65
N THR A 220 8.44 -8.73 8.66
CA THR A 220 9.11 -7.53 9.25
C THR A 220 10.42 -7.95 9.93
N VAL A 221 10.46 -9.18 10.47
CA VAL A 221 11.68 -9.80 11.07
C VAL A 221 12.65 -10.19 9.95
N MET A 222 12.14 -10.83 8.89
CA MET A 222 12.92 -11.23 7.68
C MET A 222 13.45 -9.97 6.98
N VAL A 223 12.65 -8.91 6.92
CA VAL A 223 13.01 -7.59 6.31
C VAL A 223 14.10 -6.93 7.16
N HIS A 224 13.94 -6.92 8.48
CA HIS A 224 14.90 -6.37 9.47
C HIS A 224 16.04 -7.38 9.69
N PRO A 234 15.06 -10.48 -3.59
CA PRO A 234 14.50 -9.13 -3.69
C PRO A 234 13.21 -9.05 -4.52
N GLY A 235 13.20 -9.65 -5.71
CA GLY A 235 12.00 -9.75 -6.58
C GLY A 235 10.88 -10.51 -5.89
N ARG A 236 11.20 -11.65 -5.28
CA ARG A 236 10.25 -12.50 -4.49
C ARG A 236 9.90 -11.78 -3.18
N VAL A 237 10.87 -11.07 -2.59
CA VAL A 237 10.71 -10.30 -1.31
C VAL A 237 9.83 -9.08 -1.58
N GLN A 238 9.94 -8.47 -2.76
CA GLN A 238 9.11 -7.33 -3.21
C GLN A 238 7.66 -7.80 -3.41
N ALA A 239 7.47 -8.96 -4.05
CA ALA A 239 6.16 -9.60 -4.31
C ALA A 239 5.47 -9.93 -2.99
N LEU A 240 6.23 -10.35 -1.97
CA LEU A 240 5.73 -10.67 -0.60
C LEU A 240 5.20 -9.39 0.06
N ARG A 241 6.04 -8.36 0.14
CA ARG A 241 5.69 -7.02 0.71
C ARG A 241 4.41 -6.51 0.06
N ARG A 242 4.32 -6.62 -1.28
CA ARG A 242 3.10 -6.28 -2.06
C ARG A 242 1.94 -7.19 -1.63
N GLY A 243 2.17 -8.51 -1.66
CA GLY A 243 1.17 -9.56 -1.36
C GLY A 243 0.54 -9.37 0.02
N VAL A 244 1.35 -9.12 1.05
CA VAL A 244 0.89 -8.91 2.45
C VAL A 244 0.12 -7.58 2.53
N LEU A 245 0.63 -6.53 1.87
CA LEU A 245 -0.03 -5.20 1.77
C LEU A 245 -1.43 -5.37 1.17
N VAL A 246 -1.54 -6.18 0.11
CA VAL A 246 -2.81 -6.48 -0.60
C VAL A 246 -3.78 -7.21 0.35
N LEU A 247 -3.34 -8.35 0.91
CA LEU A 247 -4.16 -9.22 1.79
C LEU A 247 -4.67 -8.42 2.99
N ARG A 248 -3.84 -7.52 3.54
CA ARG A 248 -4.21 -6.60 4.64
C ARG A 248 -5.42 -5.75 4.22
N ALA A 249 -5.36 -5.17 3.01
CA ALA A 249 -6.41 -4.32 2.40
C ALA A 249 -7.65 -5.17 2.09
N VAL A 250 -7.45 -6.40 1.59
CA VAL A 250 -8.53 -7.37 1.20
C VAL A 250 -9.36 -7.69 2.44
N VAL A 251 -8.72 -8.24 3.48
CA VAL A 251 -9.41 -8.76 4.70
C VAL A 251 -10.21 -7.63 5.35
N ILE A 252 -9.60 -6.45 5.54
CA ILE A 252 -10.24 -5.26 6.16
C ILE A 252 -11.50 -4.90 5.35
N ALA A 253 -11.35 -4.75 4.02
CA ALA A 253 -12.45 -4.42 3.07
C ALA A 253 -13.54 -5.49 3.15
N PHE A 254 -13.15 -6.77 3.18
CA PHE A 254 -14.03 -7.95 3.29
C PHE A 254 -14.84 -7.88 4.60
N VAL A 255 -14.16 -7.61 5.71
CA VAL A 255 -14.78 -7.55 7.08
C VAL A 255 -15.75 -6.37 7.15
N VAL A 256 -15.37 -5.22 6.56
CA VAL A 256 -16.15 -3.94 6.62
C VAL A 256 -17.59 -4.18 6.12
N CYS A 257 -17.75 -4.77 4.94
CA CYS A 257 -19.06 -4.86 4.22
C CYS A 257 -19.85 -6.09 4.66
N TRP A 258 -19.19 -7.24 4.85
CA TRP A 258 -19.84 -8.56 5.06
C TRP A 258 -20.21 -8.77 6.54
N LEU A 259 -19.49 -8.14 7.48
CA LEU A 259 -19.75 -8.28 8.95
C LEU A 259 -21.19 -7.89 9.25
N PRO A 260 -21.62 -6.63 8.94
CA PRO A 260 -23.00 -6.20 9.20
C PRO A 260 -24.04 -7.12 8.54
N TYR A 261 -23.75 -7.58 7.31
CA TYR A 261 -24.56 -8.55 6.54
C TYR A 261 -24.71 -9.85 7.33
N HIS A 262 -23.59 -10.40 7.83
CA HIS A 262 -23.55 -11.67 8.60
C HIS A 262 -24.10 -11.46 10.01
N VAL A 263 -23.96 -10.24 10.56
CA VAL A 263 -24.61 -9.83 11.85
C VAL A 263 -26.12 -9.87 11.65
N ARG A 264 -26.61 -9.34 10.53
CA ARG A 264 -28.05 -9.39 10.12
C ARG A 264 -28.51 -10.86 10.07
N ARG A 265 -27.70 -11.74 9.47
CA ARG A 265 -28.00 -13.19 9.37
C ARG A 265 -28.06 -13.81 10.78
N LEU A 266 -27.11 -13.44 11.64
CA LEU A 266 -26.99 -13.95 13.05
C LEU A 266 -28.29 -13.70 13.81
N MET A 267 -29.00 -12.61 13.51
CA MET A 267 -30.30 -12.23 14.15
C MET A 267 -31.31 -13.36 13.96
N PHE A 268 -31.49 -13.82 12.71
CA PHE A 268 -32.43 -14.88 12.29
C PHE A 268 -32.19 -16.17 13.11
N VAL A 269 -30.92 -16.45 13.43
CA VAL A 269 -30.50 -17.71 14.13
C VAL A 269 -30.92 -17.65 15.60
N TYR A 270 -30.67 -16.53 16.27
CA TYR A 270 -30.78 -16.37 17.75
C TYR A 270 -32.02 -15.55 18.12
N ILE A 271 -32.02 -14.25 17.76
CA ILE A 271 -33.04 -13.25 18.20
C ILE A 271 -34.42 -13.69 17.70
N SER A 272 -35.47 -13.45 18.50
CA SER A 272 -36.88 -13.81 18.22
C SER A 272 -37.81 -13.08 19.20
N PHE A 281 -37.13 -1.39 17.82
CA PHE A 281 -38.32 -2.10 17.30
C PHE A 281 -38.26 -2.15 15.77
N ASP A 282 -38.28 -0.97 15.13
CA ASP A 282 -38.28 -0.79 13.66
C ASP A 282 -36.86 -0.55 13.14
N PHE A 283 -35.87 -0.50 14.05
CA PHE A 283 -34.42 -0.31 13.75
C PHE A 283 -33.91 -1.48 12.89
N TYR A 284 -34.35 -2.70 13.20
CA TYR A 284 -33.98 -3.96 12.49
C TYR A 284 -34.21 -3.79 10.99
N HIS A 285 -35.38 -3.29 10.60
CA HIS A 285 -35.77 -2.99 9.19
C HIS A 285 -34.76 -2.03 8.56
N TYR A 286 -34.32 -1.01 9.31
CA TYR A 286 -33.32 0.01 8.89
C TYR A 286 -31.94 -0.63 8.78
N PHE A 287 -31.61 -1.56 9.69
CA PHE A 287 -30.32 -2.30 9.74
C PHE A 287 -30.24 -3.27 8.57
N TYR A 288 -31.33 -4.00 8.30
CA TYR A 288 -31.45 -5.00 7.20
C TYR A 288 -31.11 -4.35 5.85
N MET A 289 -31.71 -3.18 5.59
CA MET A 289 -31.58 -2.42 4.31
C MET A 289 -30.14 -1.90 4.16
N LEU A 290 -29.62 -1.27 5.22
CA LEU A 290 -28.26 -0.64 5.23
C LEU A 290 -27.18 -1.71 5.09
N SER A 291 -27.33 -2.85 5.78
CA SER A 291 -26.39 -4.00 5.78
C SER A 291 -26.28 -4.60 4.37
N ASN A 292 -27.42 -4.73 3.68
CA ASN A 292 -27.52 -5.34 2.32
C ASN A 292 -26.98 -4.33 1.28
N ALA A 293 -27.36 -3.06 1.40
CA ALA A 293 -26.92 -1.95 0.52
C ALA A 293 -25.40 -1.83 0.55
N LEU A 294 -24.79 -2.00 1.73
CA LEU A 294 -23.32 -1.86 1.98
C LEU A 294 -22.54 -2.82 1.07
N VAL A 295 -23.05 -4.04 0.88
CA VAL A 295 -22.41 -5.09 0.03
C VAL A 295 -22.25 -4.54 -1.40
N TYR A 296 -23.30 -3.92 -1.94
CA TYR A 296 -23.33 -3.37 -3.33
C TYR A 296 -22.35 -2.19 -3.43
N VAL A 297 -22.38 -1.28 -2.45
CA VAL A 297 -21.46 -0.10 -2.37
C VAL A 297 -20.03 -0.63 -2.43
N SER A 298 -19.65 -1.49 -1.47
CA SER A 298 -18.30 -2.09 -1.36
C SER A 298 -17.89 -2.71 -2.70
N ALA A 299 -18.70 -3.64 -3.22
CA ALA A 299 -18.46 -4.41 -4.46
C ALA A 299 -18.22 -3.46 -5.64
N ALA A 300 -18.87 -2.29 -5.65
CA ALA A 300 -18.84 -1.29 -6.74
C ALA A 300 -17.63 -0.37 -6.61
N ILE A 301 -17.31 0.08 -5.39
CA ILE A 301 -16.25 1.09 -5.11
C ILE A 301 -14.88 0.40 -4.95
N ASN A 302 -14.86 -0.81 -4.40
CA ASN A 302 -13.61 -1.58 -4.11
C ASN A 302 -12.70 -1.62 -5.35
N PRO A 303 -13.21 -1.96 -6.56
CA PRO A 303 -12.37 -1.95 -7.76
C PRO A 303 -11.79 -0.56 -8.08
N ILE A 304 -12.59 0.50 -7.89
CA ILE A 304 -12.15 1.93 -8.04
C ILE A 304 -11.10 2.24 -6.96
N LEU A 305 -11.32 1.77 -5.73
CA LEU A 305 -10.42 1.99 -4.56
C LEU A 305 -9.10 1.22 -4.76
N TYR A 306 -9.18 -0.10 -4.92
CA TYR A 306 -8.01 -1.00 -5.13
C TYR A 306 -7.10 -0.40 -6.21
N ASN A 307 -7.68 -0.01 -7.36
CA ASN A 307 -6.97 0.61 -8.50
C ASN A 307 -6.36 1.96 -8.06
N LEU A 308 -7.07 2.71 -7.22
CA LEU A 308 -6.62 4.03 -6.68
C LEU A 308 -5.48 3.83 -5.69
N ALA A 309 -5.67 2.94 -4.70
CA ALA A 309 -4.71 2.63 -3.61
C ALA A 309 -3.41 2.07 -4.19
N GLU A 310 -3.52 1.16 -5.17
CA GLU A 310 -2.37 0.55 -5.90
C GLU A 310 -1.43 1.65 -6.38
N ASP A 311 -1.94 2.58 -7.20
CA ASP A 311 -1.18 3.70 -7.83
C ASP A 311 -0.48 4.52 -6.73
N LEU A 312 -1.22 4.89 -5.68
CA LEU A 312 -0.73 5.70 -4.53
C LEU A 312 0.42 4.96 -3.83
N VAL A 313 0.20 3.70 -3.45
CA VAL A 313 1.19 2.84 -2.72
C VAL A 313 2.35 2.51 -3.67
N GLU A 314 2.07 2.33 -4.97
CA GLU A 314 3.10 2.13 -6.02
C GLU A 314 4.05 3.34 -6.04
N ASP A 315 3.49 4.56 -6.00
CA ASP A 315 4.24 5.84 -5.94
C ASP A 315 5.10 5.86 -4.66
N TRP A 316 4.53 5.43 -3.53
CA TRP A 316 5.21 5.42 -2.20
C TRP A 316 6.31 4.35 -2.18
N GLU A 317 6.03 3.15 -2.70
CA GLU A 317 6.94 1.97 -2.66
C GLU A 317 8.17 2.23 -3.53
N LYS A 318 7.97 2.82 -4.72
CA LYS A 318 9.06 3.17 -5.68
C LYS A 318 9.97 4.25 -5.07
N ALA A 319 9.37 5.26 -4.44
CA ALA A 319 10.05 6.40 -3.79
C ALA A 319 10.85 5.90 -2.57
N ARG A 320 10.20 5.10 -1.71
CA ARG A 320 10.81 4.44 -0.53
C ARG A 320 12.04 3.62 -0.97
N LYS A 321 11.88 2.84 -2.05
CA LYS A 321 12.91 1.92 -2.60
C LYS A 321 14.18 2.70 -2.94
N LEU A 322 14.03 3.89 -3.54
CA LEU A 322 15.15 4.76 -3.98
C LEU A 322 15.94 5.27 -2.76
N LEU A 323 15.23 5.80 -1.76
CA LEU A 323 15.83 6.33 -0.50
C LEU A 323 16.73 5.25 0.13
N GLU A 324 16.19 4.03 0.31
CA GLU A 324 16.91 2.85 0.87
C GLU A 324 18.11 2.51 -0.02
N ALA A 325 17.91 2.48 -1.35
CA ALA A 325 18.91 2.11 -2.36
C ALA A 325 20.07 3.12 -2.38
N ALA A 326 19.74 4.42 -2.28
CA ALA A 326 20.70 5.55 -2.28
C ALA A 326 21.56 5.49 -1.00
N ARG A 327 20.92 5.31 0.16
CA ARG A 327 21.58 5.24 1.49
C ARG A 327 22.46 3.98 1.58
N LYS A 328 21.91 2.83 1.17
CA LYS A 328 22.59 1.50 1.21
C LYS A 328 23.82 1.51 0.29
N GLY A 329 23.75 2.22 -0.84
CA GLY A 329 24.83 2.33 -1.84
C GLY A 329 24.62 1.41 -3.02
N GLN A 330 23.50 0.68 -3.06
CA GLN A 330 23.13 -0.25 -4.16
C GLN A 330 22.82 0.57 -5.42
N ASP A 331 23.87 1.09 -6.08
CA ASP A 331 23.80 1.98 -7.27
C ASP A 331 22.99 1.31 -8.38
N ASP A 332 23.17 0.00 -8.57
CA ASP A 332 22.49 -0.83 -9.60
C ASP A 332 20.98 -0.53 -9.59
N GLU A 333 20.36 -0.63 -8.42
CA GLU A 333 18.91 -0.36 -8.19
C GLU A 333 18.59 1.10 -8.54
N VAL A 334 19.35 2.04 -7.96
CA VAL A 334 19.12 3.51 -8.08
C VAL A 334 18.90 3.88 -9.55
N ARG A 335 19.80 3.45 -10.43
CA ARG A 335 19.75 3.71 -11.90
C ARG A 335 18.44 3.19 -12.46
N ILE A 336 18.08 1.93 -12.14
CA ILE A 336 16.84 1.24 -12.62
C ILE A 336 15.60 1.95 -12.06
N LEU A 337 15.64 2.36 -10.79
CA LEU A 337 14.51 3.02 -10.07
C LEU A 337 14.20 4.38 -10.71
N LEU A 338 15.22 5.11 -11.16
CA LEU A 338 15.09 6.46 -11.78
C LEU A 338 14.29 6.35 -13.08
N ALA A 339 14.61 5.37 -13.92
CA ALA A 339 13.98 5.10 -15.23
C ALA A 339 12.49 4.74 -15.03
N ASN A 340 12.21 3.84 -14.08
CA ASN A 340 10.84 3.39 -13.71
C ASN A 340 9.91 4.60 -13.57
N GLY A 341 10.39 5.66 -12.91
CA GLY A 341 9.67 6.93 -12.72
C GLY A 341 9.53 7.30 -11.25
N ALA A 342 10.60 7.11 -10.46
CA ALA A 342 10.67 7.50 -9.03
C ALA A 342 11.03 8.98 -8.94
N ASP A 343 10.47 9.68 -7.95
CA ASP A 343 10.69 11.14 -7.72
C ASP A 343 12.14 11.34 -7.24
N VAL A 344 12.93 12.10 -8.01
CA VAL A 344 14.37 12.42 -7.70
C VAL A 344 14.44 13.13 -6.34
N ASN A 345 13.45 13.98 -6.04
CA ASN A 345 13.39 14.83 -4.83
C ASN A 345 12.41 14.24 -3.81
N THR A 346 12.47 12.92 -3.58
CA THR A 346 11.75 12.22 -2.48
C THR A 346 12.39 12.63 -1.15
N ALA A 347 11.62 12.64 -0.06
CA ALA A 347 12.08 12.98 1.30
C ALA A 347 11.59 11.94 2.31
N ASP A 348 12.39 11.64 3.33
CA ASP A 348 12.06 10.72 4.44
C ASP A 348 11.25 11.48 5.49
N GLU A 349 10.89 10.82 6.60
CA GLU A 349 10.18 11.42 7.76
C GLU A 349 11.02 12.58 8.32
N THR A 350 12.35 12.43 8.33
CA THR A 350 13.34 13.45 8.76
C THR A 350 13.41 14.59 7.73
N GLY A 351 13.30 14.25 6.44
CA GLY A 351 13.49 15.17 5.30
C GLY A 351 14.76 14.88 4.53
N PHE A 352 15.29 13.66 4.67
CA PHE A 352 16.52 13.16 3.99
C PHE A 352 16.16 12.68 2.57
N THR A 353 16.57 13.43 1.55
CA THR A 353 16.41 13.07 0.12
C THR A 353 17.55 12.14 -0.27
N PRO A 354 17.46 11.44 -1.42
CA PRO A 354 18.54 10.55 -1.86
C PRO A 354 19.92 11.21 -1.84
N LEU A 355 19.98 12.48 -2.25
CA LEU A 355 21.23 13.29 -2.35
C LEU A 355 21.82 13.51 -0.95
N HIS A 356 20.96 13.70 0.06
CA HIS A 356 21.36 13.82 1.50
C HIS A 356 22.01 12.52 1.97
N LEU A 357 21.40 11.37 1.64
CA LEU A 357 21.83 10.01 2.08
C LEU A 357 23.11 9.61 1.34
N ALA A 358 23.13 9.76 0.02
CA ALA A 358 24.26 9.39 -0.88
C ALA A 358 25.51 10.19 -0.49
N ALA A 359 25.37 11.51 -0.31
CA ALA A 359 26.45 12.44 0.08
C ALA A 359 26.93 12.12 1.50
N TRP A 360 26.00 11.84 2.42
CA TRP A 360 26.28 11.49 3.83
C TRP A 360 27.10 10.19 3.89
N GLU A 361 26.62 9.13 3.24
CA GLU A 361 27.26 7.79 3.21
C GLU A 361 28.51 7.83 2.33
N GLY A 362 28.54 8.74 1.34
CA GLY A 362 29.70 8.98 0.47
C GLY A 362 29.71 8.07 -0.74
N HIS A 363 28.61 8.06 -1.50
CA HIS A 363 28.43 7.29 -2.76
C HIS A 363 28.36 8.27 -3.94
N LEU A 364 29.52 8.72 -4.42
CA LEU A 364 29.65 9.71 -5.53
C LEU A 364 28.86 9.23 -6.75
N GLY A 365 29.07 7.96 -7.15
CA GLY A 365 28.40 7.32 -8.30
C GLY A 365 26.90 7.58 -8.29
N ILE A 366 26.28 7.49 -7.11
CA ILE A 366 24.82 7.76 -6.89
C ILE A 366 24.59 9.27 -6.92
N VAL A 367 25.37 10.05 -6.15
CA VAL A 367 25.30 11.54 -6.10
C VAL A 367 25.39 12.09 -7.53
N GLU A 368 26.28 11.51 -8.35
CA GLU A 368 26.51 11.92 -9.77
C GLU A 368 25.23 11.68 -10.58
N VAL A 369 24.67 10.47 -10.53
CA VAL A 369 23.49 10.05 -11.36
C VAL A 369 22.23 10.76 -10.84
N LEU A 370 22.14 11.03 -9.53
CA LEU A 370 21.01 11.76 -8.90
C LEU A 370 20.92 13.17 -9.53
N LEU A 371 22.04 13.89 -9.55
CA LEU A 371 22.16 15.25 -10.15
C LEU A 371 21.90 15.17 -11.66
N LYS A 372 22.33 14.09 -12.30
CA LYS A 372 22.09 13.80 -13.75
C LYS A 372 20.59 13.72 -14.01
N ASN A 373 19.83 13.13 -13.08
CA ASN A 373 18.35 13.02 -13.14
C ASN A 373 17.72 14.17 -12.32
N GLY A 374 18.28 15.38 -12.43
CA GLY A 374 17.71 16.65 -11.94
C GLY A 374 17.38 16.62 -10.45
N ALA A 375 18.33 16.18 -9.60
CA ALA A 375 18.23 16.25 -8.13
C ALA A 375 18.49 17.70 -7.68
N ASP A 376 17.89 18.11 -6.55
CA ASP A 376 18.03 19.48 -5.98
C ASP A 376 19.26 19.50 -5.06
N VAL A 377 20.29 20.24 -5.46
CA VAL A 377 21.60 20.38 -4.73
C VAL A 377 21.39 21.14 -3.41
N ASN A 378 20.47 22.10 -3.38
CA ASN A 378 20.24 23.02 -2.23
C ASN A 378 19.04 22.54 -1.39
N ALA A 379 18.62 21.29 -1.55
CA ALA A 379 17.53 20.66 -0.77
C ALA A 379 17.88 20.70 0.72
N ASN A 380 16.88 20.92 1.59
CA ASN A 380 17.04 20.99 3.08
C ASN A 380 16.31 19.81 3.72
N ASP A 381 16.74 19.42 4.94
CA ASP A 381 16.09 18.39 5.79
C ASP A 381 15.41 19.10 6.96
N GLU A 382 15.00 18.35 8.00
CA GLU A 382 14.35 18.87 9.23
C GLU A 382 15.20 20.01 9.82
N ARG A 383 16.43 19.69 10.25
CA ARG A 383 17.38 20.63 10.91
C ARG A 383 17.77 21.76 9.94
N GLY A 384 17.72 21.49 8.63
CA GLY A 384 18.04 22.47 7.57
C GLY A 384 19.44 22.26 6.99
N HIS A 385 19.89 21.00 6.95
CA HIS A 385 21.19 20.57 6.35
C HIS A 385 21.01 20.34 4.85
N THR A 386 21.91 20.88 4.03
CA THR A 386 22.01 20.62 2.56
C THR A 386 22.95 19.44 2.35
N PRO A 387 22.90 18.76 1.18
CA PRO A 387 23.89 17.74 0.82
C PRO A 387 25.35 18.16 1.07
N LEU A 388 25.65 19.46 0.88
CA LEU A 388 27.00 20.05 1.05
C LEU A 388 27.42 20.00 2.52
N HIS A 389 26.48 20.22 3.44
CA HIS A 389 26.70 20.06 4.91
C HIS A 389 27.20 18.64 5.20
N LEU A 390 26.52 17.63 4.65
CA LEU A 390 26.70 16.20 4.96
C LEU A 390 27.95 15.64 4.26
N ALA A 391 28.22 16.09 3.04
CA ALA A 391 29.45 15.77 2.27
C ALA A 391 30.67 16.34 2.99
N ALA A 392 30.56 17.56 3.50
CA ALA A 392 31.59 18.28 4.30
C ALA A 392 31.74 17.60 5.67
N TYR A 393 30.62 17.13 6.25
CA TYR A 393 30.57 16.43 7.56
C TYR A 393 31.34 15.11 7.47
N THR A 394 30.94 14.23 6.53
CA THR A 394 31.57 12.91 6.26
C THR A 394 33.03 13.13 5.85
N GLY A 395 33.25 14.06 4.93
CA GLY A 395 34.59 14.49 4.46
C GLY A 395 34.86 14.09 3.01
N HIS A 396 33.87 13.58 2.29
CA HIS A 396 34.01 13.14 0.88
C HIS A 396 34.32 14.35 -0.01
N LEU A 397 35.60 14.53 -0.35
CA LEU A 397 36.13 15.71 -1.08
C LEU A 397 35.49 15.81 -2.47
N GLU A 398 35.56 14.74 -3.26
CA GLU A 398 35.04 14.68 -4.65
C GLU A 398 33.58 15.14 -4.68
N ILE A 399 32.75 14.62 -3.77
CA ILE A 399 31.29 14.93 -3.67
C ILE A 399 31.12 16.43 -3.41
N VAL A 400 31.90 16.99 -2.46
CA VAL A 400 31.89 18.44 -2.13
C VAL A 400 32.13 19.25 -3.40
N GLU A 401 33.10 18.82 -4.22
CA GLU A 401 33.47 19.49 -5.50
C GLU A 401 32.27 19.45 -6.47
N VAL A 402 31.65 18.26 -6.62
CA VAL A 402 30.52 18.01 -7.56
C VAL A 402 29.30 18.86 -7.14
N LEU A 403 28.97 18.85 -5.85
CA LEU A 403 27.83 19.61 -5.27
C LEU A 403 28.00 21.10 -5.60
N LEU A 404 29.19 21.65 -5.38
CA LEU A 404 29.55 23.07 -5.69
C LEU A 404 29.49 23.29 -7.20
N LYS A 405 30.02 22.35 -7.99
CA LYS A 405 30.05 22.40 -9.48
C LYS A 405 28.60 22.42 -10.02
N ASN A 406 27.68 21.73 -9.34
CA ASN A 406 26.24 21.67 -9.71
C ASN A 406 25.47 22.78 -8.98
N GLY A 407 26.16 23.58 -8.16
CA GLY A 407 25.67 24.86 -7.63
C GLY A 407 25.09 24.73 -6.23
N ALA A 408 25.85 24.15 -5.30
CA ALA A 408 25.52 24.07 -3.86
C ALA A 408 25.79 25.43 -3.20
N GLY A 409 24.96 25.82 -2.23
CA GLY A 409 25.13 27.04 -1.41
C GLY A 409 26.23 26.84 -0.37
N VAL A 410 27.33 27.58 -0.50
CA VAL A 410 28.60 27.36 0.27
C VAL A 410 28.44 27.94 1.69
N ASN A 411 27.72 29.06 1.82
CA ASN A 411 27.47 29.74 3.12
C ASN A 411 26.13 29.28 3.70
N ALA A 412 25.39 28.43 2.98
CA ALA A 412 24.09 27.85 3.39
C ALA A 412 24.11 27.53 4.89
N THR A 413 23.13 28.03 5.64
CA THR A 413 23.04 27.89 7.12
C THR A 413 21.80 27.07 7.47
N ASP A 414 21.93 26.19 8.47
CA ASP A 414 20.82 25.40 9.07
C ASP A 414 20.19 26.23 10.21
N VAL A 415 19.19 25.67 10.90
CA VAL A 415 18.51 26.34 12.05
C VAL A 415 19.52 26.53 13.19
N ILE A 416 20.46 25.58 13.35
CA ILE A 416 21.53 25.61 14.40
C ILE A 416 22.43 26.83 14.17
N GLY A 417 22.52 27.32 12.92
CA GLY A 417 23.36 28.47 12.52
C GLY A 417 24.66 27.99 11.86
N THR A 418 24.88 26.67 11.84
CA THR A 418 26.10 26.00 11.32
C THR A 418 26.10 26.07 9.79
N ALA A 419 27.30 26.03 9.19
CA ALA A 419 27.55 26.08 7.73
C ALA A 419 28.51 24.96 7.34
N PRO A 420 28.64 24.63 6.03
CA PRO A 420 29.57 23.58 5.60
C PRO A 420 30.99 23.76 6.16
N LEU A 421 31.49 25.00 6.10
CA LEU A 421 32.88 25.38 6.53
C LEU A 421 33.09 25.01 8.01
N HIS A 422 32.08 25.22 8.85
CA HIS A 422 32.09 24.87 10.30
C HIS A 422 32.35 23.37 10.45
N LEU A 423 31.64 22.54 9.67
CA LEU A 423 31.63 21.06 9.78
C LEU A 423 32.96 20.49 9.29
N ALA A 424 33.54 21.06 8.23
CA ALA A 424 34.86 20.68 7.67
C ALA A 424 35.95 21.00 8.70
N ALA A 425 35.93 22.20 9.26
CA ALA A 425 36.84 22.67 10.34
C ALA A 425 36.65 21.80 11.59
N MET A 426 35.39 21.57 11.97
CA MET A 426 34.98 20.71 13.12
C MET A 426 35.68 19.35 13.00
N TRP A 427 35.34 18.57 11.97
CA TRP A 427 35.91 17.21 11.71
C TRP A 427 37.38 17.32 11.30
N GLY A 428 37.80 18.50 10.81
CA GLY A 428 39.20 18.81 10.48
C GLY A 428 39.61 18.22 9.15
N HIS A 429 38.84 18.50 8.09
CA HIS A 429 39.13 18.14 6.68
C HIS A 429 39.90 19.29 6.02
N LEU A 430 41.24 19.27 6.13
CA LEU A 430 42.16 20.35 5.67
C LEU A 430 42.07 20.50 4.15
N GLU A 431 41.72 19.42 3.42
CA GLU A 431 41.58 19.42 1.95
C GLU A 431 40.29 20.15 1.56
N ILE A 432 39.19 19.84 2.25
CA ILE A 432 37.81 20.36 1.93
C ILE A 432 37.75 21.86 2.20
N VAL A 433 38.22 22.32 3.36
CA VAL A 433 38.22 23.76 3.73
C VAL A 433 38.85 24.56 2.59
N GLU A 434 39.88 24.02 1.93
CA GLU A 434 40.56 24.63 0.75
C GLU A 434 39.53 24.89 -0.36
N VAL A 435 38.86 23.83 -0.84
CA VAL A 435 37.90 23.90 -1.98
C VAL A 435 36.66 24.70 -1.55
N LEU A 436 36.30 24.66 -0.27
CA LEU A 436 35.17 25.46 0.30
C LEU A 436 35.56 26.95 0.24
N LEU A 437 36.72 27.30 0.78
CA LEU A 437 37.27 28.68 0.81
C LEU A 437 37.38 29.21 -0.63
N LYS A 438 37.79 28.36 -1.57
CA LYS A 438 37.87 28.68 -3.03
C LYS A 438 36.51 29.20 -3.51
N ASN A 439 35.42 28.50 -3.17
CA ASN A 439 34.04 28.77 -3.66
C ASN A 439 33.33 29.72 -2.70
N GLY A 440 33.90 30.93 -2.50
CA GLY A 440 33.30 32.04 -1.73
C GLY A 440 32.67 31.58 -0.42
N ALA A 441 33.48 31.05 0.50
CA ALA A 441 33.08 30.66 1.87
C ALA A 441 33.38 31.82 2.83
N ASP A 442 32.41 32.18 3.67
CA ASP A 442 32.52 33.28 4.67
C ASP A 442 33.23 32.74 5.92
N VAL A 443 34.51 33.07 6.09
CA VAL A 443 35.39 32.57 7.20
C VAL A 443 34.89 33.08 8.55
N ASN A 444 34.34 34.30 8.59
CA ASN A 444 33.94 34.99 9.85
C ASN A 444 32.55 34.53 10.29
N ALA A 445 31.72 34.04 9.36
CA ALA A 445 30.32 33.59 9.59
C ALA A 445 30.26 32.74 10.87
N GLN A 446 29.58 33.24 11.91
CA GLN A 446 29.43 32.56 13.23
C GLN A 446 28.04 31.94 13.33
N ASP A 447 27.86 31.00 14.25
CA ASP A 447 26.62 30.19 14.45
C ASP A 447 25.80 30.81 15.59
N LYS A 448 24.74 30.12 16.03
CA LYS A 448 23.86 30.52 17.16
C LYS A 448 24.59 30.31 18.50
N PHE A 449 25.67 29.52 18.51
CA PHE A 449 26.53 29.23 19.69
C PHE A 449 27.65 30.26 19.80
N GLY A 450 27.68 31.25 18.89
CA GLY A 450 28.68 32.34 18.87
C GLY A 450 30.09 31.81 18.66
N LYS A 451 30.25 30.89 17.71
CA LYS A 451 31.54 30.21 17.40
C LYS A 451 31.77 30.21 15.87
N THR A 452 32.90 30.76 15.43
CA THR A 452 33.36 30.79 14.01
C THR A 452 33.99 29.45 13.66
N PRO A 453 34.15 29.09 12.37
CA PRO A 453 34.84 27.86 11.99
C PRO A 453 36.30 27.83 12.46
N PHE A 454 36.95 29.00 12.49
CA PHE A 454 38.33 29.21 13.03
C PHE A 454 38.34 28.86 14.52
N ASP A 455 37.29 29.25 15.25
CA ASP A 455 37.07 28.91 16.68
C ASP A 455 36.97 27.39 16.83
N LEU A 456 36.10 26.75 16.05
CA LEU A 456 35.83 25.28 16.07
C LEU A 456 37.10 24.53 15.66
N ALA A 457 37.83 25.04 14.66
CA ALA A 457 39.13 24.50 14.19
C ALA A 457 40.14 24.52 15.36
N ILE A 458 40.21 25.64 16.07
CA ILE A 458 41.11 25.85 17.25
C ILE A 458 40.64 24.97 18.40
N ASP A 459 39.33 24.93 18.65
CA ASP A 459 38.69 24.17 19.76
C ASP A 459 39.09 22.69 19.68
N ASN A 460 38.90 22.06 18.52
CA ASN A 460 39.19 20.62 18.27
C ASN A 460 40.69 20.42 18.00
N GLY A 461 41.47 21.51 18.00
CA GLY A 461 42.95 21.49 18.01
C GLY A 461 43.54 20.85 16.77
N ASN A 462 42.88 21.02 15.62
CA ASN A 462 43.43 20.65 14.29
C ASN A 462 44.31 21.82 13.81
N GLU A 463 45.57 21.84 14.26
CA GLU A 463 46.53 22.97 14.13
C GLU A 463 46.66 23.38 12.65
N ASP A 464 46.90 22.41 11.77
CA ASP A 464 47.11 22.62 10.30
C ASP A 464 45.90 23.37 9.72
N ILE A 465 44.70 22.80 9.87
CA ILE A 465 43.42 23.33 9.34
C ILE A 465 43.16 24.74 9.89
N ALA A 466 43.50 24.98 11.16
CA ALA A 466 43.30 26.26 11.87
C ALA A 466 44.18 27.36 11.27
N GLU A 467 45.40 27.01 10.85
CA GLU A 467 46.39 27.94 10.23
C GLU A 467 45.87 28.43 8.87
N VAL A 468 45.17 27.55 8.13
CA VAL A 468 44.61 27.82 6.77
C VAL A 468 43.63 28.98 6.87
N LEU A 469 42.70 28.91 7.84
CA LEU A 469 41.58 29.88 8.04
C LEU A 469 42.15 31.24 8.48
N GLN A 470 43.18 31.24 9.33
CA GLN A 470 43.89 32.45 9.80
C GLN A 470 44.43 33.22 8.59
N LYS A 471 45.17 32.54 7.71
CA LYS A 471 45.77 33.10 6.46
C LYS A 471 44.64 33.52 5.51
N ALA A 472 43.62 32.67 5.34
CA ALA A 472 42.44 32.92 4.49
C ALA A 472 41.72 34.18 4.95
N ALA A 473 41.50 34.31 6.27
CA ALA A 473 40.81 35.45 6.92
C ALA A 473 41.58 36.75 6.66
N THR A 474 42.90 36.71 6.82
CA THR A 474 43.83 37.85 6.59
C THR A 474 43.64 38.38 5.16
N ARG A 475 43.56 37.49 4.17
CA ARG A 475 43.34 37.81 2.73
C ARG A 475 42.06 38.65 2.58
N GLU A 476 41.00 38.28 3.31
CA GLU A 476 39.68 38.96 3.29
C GLU A 476 39.86 40.42 3.76
N LEU A 477 40.67 40.65 4.79
CA LEU A 477 40.95 42.00 5.35
C LEU A 477 41.64 42.85 4.28
N GLU A 478 42.61 42.27 3.57
CA GLU A 478 43.37 42.93 2.47
C GLU A 478 42.41 43.22 1.31
N VAL A 479 41.54 42.25 0.98
CA VAL A 479 40.50 42.36 -0.09
C VAL A 479 39.52 43.48 0.28
N LEU A 480 39.11 43.53 1.56
CA LEU A 480 38.20 44.57 2.11
C LEU A 480 38.92 45.92 2.13
N PHE A 481 40.21 45.94 2.48
CA PHE A 481 41.07 47.15 2.55
C PHE A 481 41.81 47.33 1.21
#